data_6L1W
#
_entry.id   6L1W
#
_cell.length_a   34.450
_cell.length_b   80.548
_cell.length_c   84.172
_cell.angle_alpha   90.000
_cell.angle_beta   90.000
_cell.angle_gamma   90.000
#
_symmetry.space_group_name_H-M   'P 21 21 21'
#
loop_
_entity.id
_entity.type
_entity.pdbx_description
1 polymer 'Zinc finger CCCH-type antiviral protein 1'
2 polymer "RNA (5'-R(*CP*GP*UP*CP*GP*U)-3')"
3 non-polymer 'ZINC ION'
4 water water
#
loop_
_entity_poly.entity_id
_entity_poly.type
_entity_poly.pdbx_seq_one_letter_code
_entity_poly.pdbx_strand_id
1 'polypeptide(L)'
;SMTDPEVFCFITKILCAHGGRMTLEELLGEISLPEAQLYELLKAAGPDRFVLLETGDQAGITRSVVATTRARVCRRKYCQ
RPCDSLHLCKLNLLGRCHYAQSQRNLCKYSHDVLSEQNFQVLKNHELSGLNQEELAVLLVQSDPFFMPEICKSYKGEGRK
QICGQPQPCERLHICEHFTRGNCSYLNCLRSHNLMDRKVLAIMREHGLSSDVVQNIQDICNNKHTRRN
;
A
2 'polyribonucleotide' CGUCGUU C
#
# COMPACT_ATOMS: atom_id res chain seq x y z
N PRO A 5 4.64 -18.71 -13.52
CA PRO A 5 4.89 -17.27 -13.71
C PRO A 5 3.59 -16.48 -13.90
N GLU A 6 2.57 -17.15 -14.41
CA GLU A 6 1.27 -16.53 -14.66
C GLU A 6 0.28 -16.82 -13.54
N VAL A 7 0.63 -17.78 -12.70
CA VAL A 7 -0.23 -18.17 -11.57
C VAL A 7 -0.30 -17.09 -10.47
N PHE A 8 0.81 -16.37 -10.29
CA PHE A 8 0.92 -15.34 -9.25
C PHE A 8 0.00 -14.15 -9.52
N CYS A 9 -0.11 -13.76 -10.80
CA CYS A 9 -0.97 -12.65 -11.17
C CYS A 9 -2.43 -13.04 -10.97
N PHE A 10 -2.73 -14.28 -11.32
CA PHE A 10 -4.05 -14.87 -11.14
C PHE A 10 -4.52 -14.74 -9.69
N ILE A 11 -3.67 -15.14 -8.75
CA ILE A 11 -3.96 -15.03 -7.33
C ILE A 11 -4.14 -13.58 -6.87
N THR A 12 -3.18 -12.73 -7.24
CA THR A 12 -3.20 -11.30 -6.89
C THR A 12 -4.51 -10.62 -7.30
N LYS A 13 -4.94 -10.87 -8.54
CA LYS A 13 -6.19 -10.32 -9.05
C LYS A 13 -7.38 -10.67 -8.16
N ILE A 14 -7.43 -11.93 -7.72
CA ILE A 14 -8.50 -12.38 -6.83
C ILE A 14 -8.40 -11.75 -5.44
N LEU A 15 -7.19 -11.72 -4.88
CA LEU A 15 -6.96 -11.03 -3.61
C LEU A 15 -7.34 -9.55 -3.71
N CYS A 16 -6.89 -8.91 -4.78
CA CYS A 16 -7.20 -7.49 -4.99
C CYS A 16 -8.69 -7.24 -5.22
N ALA A 17 -9.38 -8.26 -5.72
CA ALA A 17 -10.83 -8.17 -5.94
C ALA A 17 -11.58 -8.29 -4.62
N HIS A 18 -10.94 -8.89 -3.63
CA HIS A 18 -11.56 -9.10 -2.33
C HIS A 18 -10.94 -8.26 -1.23
N GLY A 19 -10.54 -7.03 -1.56
CA GLY A 19 -10.08 -6.09 -0.57
C GLY A 19 -8.62 -6.22 -0.17
N GLY A 20 -7.88 -7.06 -0.89
CA GLY A 20 -6.45 -7.20 -0.66
C GLY A 20 -6.07 -8.23 0.37
N ARG A 21 -7.07 -8.90 0.94
CA ARG A 21 -6.84 -9.93 1.95
C ARG A 21 -7.95 -10.99 1.91
N MET A 22 -7.55 -12.26 1.96
CA MET A 22 -8.49 -13.37 2.06
C MET A 22 -7.92 -14.42 2.99
N THR A 23 -8.81 -15.15 3.68
CA THR A 23 -8.38 -16.33 4.42
C THR A 23 -8.02 -17.40 3.40
N LEU A 24 -7.09 -18.27 3.77
CA LEU A 24 -6.65 -19.34 2.87
C LEU A 24 -7.80 -20.26 2.49
N GLU A 25 -8.73 -20.47 3.43
CA GLU A 25 -9.91 -21.27 3.15
C GLU A 25 -10.78 -20.60 2.08
N GLU A 26 -11.05 -19.30 2.26
CA GLU A 26 -11.88 -18.56 1.32
C GLU A 26 -11.20 -18.45 -0.05
N LEU A 27 -9.87 -18.46 -0.06
CA LEU A 27 -9.12 -18.43 -1.32
C LEU A 27 -9.34 -19.73 -2.09
N LEU A 28 -9.32 -20.85 -1.36
CA LEU A 28 -9.57 -22.16 -1.94
C LEU A 28 -11.00 -22.27 -2.48
N GLY A 29 -11.92 -21.48 -1.93
CA GLY A 29 -13.30 -21.51 -2.36
C GLY A 29 -13.55 -20.67 -3.60
N GLU A 30 -12.46 -20.27 -4.25
CA GLU A 30 -12.51 -19.45 -5.45
C GLU A 30 -11.68 -20.09 -6.57
N ILE A 31 -10.88 -21.10 -6.25
CA ILE A 31 -9.96 -21.69 -7.22
C ILE A 31 -10.03 -23.22 -7.30
N SER A 32 -9.24 -23.78 -8.22
CA SER A 32 -9.27 -25.21 -8.51
C SER A 32 -7.98 -25.89 -8.11
N LEU A 33 -7.46 -25.50 -6.95
CA LEU A 33 -6.24 -26.12 -6.43
C LEU A 33 -6.50 -26.70 -5.05
N PRO A 34 -5.81 -27.79 -4.72
CA PRO A 34 -5.87 -28.24 -3.33
C PRO A 34 -5.01 -27.34 -2.47
N GLU A 35 -5.30 -27.32 -1.17
CA GLU A 35 -4.61 -26.45 -0.22
C GLU A 35 -3.09 -26.57 -0.27
N ALA A 36 -2.60 -27.78 -0.54
CA ALA A 36 -1.18 -28.05 -0.63
C ALA A 36 -0.48 -27.28 -1.76
N GLN A 37 -1.13 -27.24 -2.93
CA GLN A 37 -0.59 -26.52 -4.10
C GLN A 37 -0.60 -25.01 -3.92
N LEU A 38 -1.71 -24.48 -3.41
CA LEU A 38 -1.86 -23.04 -3.20
C LEU A 38 -0.83 -22.54 -2.20
N TYR A 39 -0.77 -23.20 -1.06
CA TYR A 39 0.06 -22.76 0.07
C TYR A 39 1.56 -22.76 -0.25
N GLU A 40 1.99 -23.64 -1.14
CA GLU A 40 3.40 -23.70 -1.53
C GLU A 40 3.77 -22.69 -2.60
N LEU A 41 2.75 -22.17 -3.29
CA LEU A 41 2.94 -21.15 -4.32
C LEU A 41 3.11 -19.77 -3.69
N LEU A 42 2.37 -19.52 -2.61
CA LEU A 42 2.45 -18.27 -1.87
C LEU A 42 3.84 -18.08 -1.26
N LYS A 43 4.37 -19.15 -0.68
CA LYS A 43 5.70 -19.14 -0.11
C LYS A 43 6.79 -18.85 -1.15
N ALA A 44 6.57 -19.34 -2.37
CA ALA A 44 7.53 -19.18 -3.45
C ALA A 44 7.75 -17.72 -3.84
N ALA A 45 6.66 -17.04 -4.19
CA ALA A 45 6.72 -15.62 -4.54
C ALA A 45 7.30 -14.77 -3.41
N GLY A 46 7.12 -15.23 -2.17
CA GLY A 46 7.70 -14.55 -1.02
C GLY A 46 6.79 -13.52 -0.40
N PRO A 47 7.18 -12.99 0.77
CA PRO A 47 6.40 -12.03 1.57
C PRO A 47 6.37 -10.63 0.97
N ASP A 48 7.15 -10.39 -0.07
CA ASP A 48 7.11 -9.11 -0.78
C ASP A 48 6.01 -9.13 -1.84
N ARG A 49 5.31 -10.25 -1.92
CA ARG A 49 4.17 -10.39 -2.82
C ARG A 49 2.95 -10.91 -2.04
N PHE A 50 3.18 -11.88 -1.16
CA PHE A 50 2.11 -12.44 -0.34
C PHE A 50 2.54 -12.54 1.12
N VAL A 51 1.91 -11.76 1.99
CA VAL A 51 2.18 -11.82 3.43
C VAL A 51 1.27 -12.86 4.08
N LEU A 52 1.87 -13.85 4.74
CA LEU A 52 1.12 -14.95 5.35
C LEU A 52 0.89 -14.78 6.87
N LEU A 53 -0.33 -15.00 7.32
CA LEU A 53 -0.76 -14.64 8.68
C LEU A 53 -1.32 -15.81 9.48
N GLU A 54 -1.36 -15.64 10.79
CA GLU A 54 -1.93 -16.64 11.70
C GLU A 54 -2.98 -16.02 12.61
N THR A 62 -6.52 -20.44 12.15
CA THR A 62 -6.89 -19.91 10.85
C THR A 62 -5.67 -19.28 10.14
N ARG A 63 -5.74 -19.18 8.82
CA ARG A 63 -4.67 -18.59 8.02
C ARG A 63 -5.22 -17.57 7.03
N SER A 64 -4.48 -16.48 6.87
CA SER A 64 -4.84 -15.43 5.92
C SER A 64 -3.66 -15.05 5.03
N VAL A 65 -3.97 -14.54 3.84
CA VAL A 65 -2.94 -14.04 2.94
C VAL A 65 -3.23 -12.57 2.59
N VAL A 66 -2.19 -11.73 2.65
CA VAL A 66 -2.32 -10.32 2.29
C VAL A 66 -1.49 -10.04 1.04
N ALA A 67 -2.12 -9.45 0.03
CA ALA A 67 -1.42 -9.13 -1.22
C ALA A 67 -0.57 -7.88 -1.07
N THR A 68 0.63 -7.89 -1.63
CA THR A 68 1.47 -6.70 -1.64
C THR A 68 2.39 -6.70 -2.86
N THR A 69 3.24 -5.68 -2.97
CA THR A 69 4.15 -5.56 -4.13
C THR A 69 5.26 -4.59 -3.78
N ARG A 70 6.40 -4.72 -4.46
CA ARG A 70 7.51 -3.79 -4.30
C ARG A 70 7.30 -2.53 -5.13
N ALA A 71 6.35 -2.60 -6.06
CA ALA A 71 6.12 -1.48 -6.98
C ALA A 71 5.67 -0.24 -6.22
N ARG A 72 6.25 0.89 -6.61
CA ARG A 72 5.99 2.13 -5.92
C ARG A 72 5.67 3.22 -6.93
N VAL A 73 4.97 4.23 -6.47
CA VAL A 73 4.70 5.43 -7.27
C VAL A 73 5.75 6.48 -6.98
N CYS A 74 6.36 7.02 -8.03
CA CYS A 74 7.35 8.09 -7.90
C CYS A 74 6.76 9.28 -7.16
N ARG A 75 7.48 9.78 -6.16
CA ARG A 75 6.98 10.86 -5.28
C ARG A 75 7.28 12.25 -5.83
N ARG A 76 8.10 12.32 -6.87
CA ARG A 76 8.50 13.61 -7.42
C ARG A 76 7.36 14.38 -8.09
N LYS A 77 7.50 15.71 -8.09
CA LYS A 77 6.62 16.57 -8.88
C LYS A 77 6.98 16.45 -10.36
N TYR A 78 8.28 16.46 -10.64
CA TYR A 78 8.80 16.31 -11.99
C TYR A 78 10.04 15.43 -11.93
N CYS A 79 10.00 14.32 -12.65
CA CYS A 79 11.06 13.33 -12.57
C CYS A 79 11.77 13.17 -13.90
N GLN A 80 13.10 13.13 -13.87
CA GLN A 80 13.86 12.85 -15.09
C GLN A 80 14.39 11.42 -15.07
N ARG A 81 14.18 10.69 -16.17
CA ARG A 81 14.68 9.32 -16.26
C ARG A 81 16.19 9.29 -16.11
N PRO A 82 16.74 8.19 -15.57
CA PRO A 82 16.07 6.93 -15.25
C PRO A 82 15.35 6.93 -13.92
N CYS A 83 14.24 6.18 -13.87
CA CYS A 83 13.45 6.00 -12.66
C CYS A 83 12.57 4.76 -12.83
N ASP A 84 12.70 3.83 -11.88
CA ASP A 84 11.99 2.56 -12.00
C ASP A 84 10.71 2.51 -11.18
N SER A 85 10.13 3.68 -10.93
CA SER A 85 8.86 3.76 -10.23
C SER A 85 7.74 4.03 -11.21
N LEU A 86 6.51 3.77 -10.78
CA LEU A 86 5.36 4.16 -11.58
C LEU A 86 5.23 5.67 -11.57
N HIS A 87 4.77 6.24 -12.68
CA HIS A 87 4.51 7.68 -12.72
C HIS A 87 3.06 7.88 -13.06
N LEU A 88 2.27 8.26 -12.07
CA LEU A 88 0.86 8.45 -12.28
C LEU A 88 0.24 9.35 -11.23
N CYS A 89 -0.93 9.88 -11.57
CA CYS A 89 -1.72 10.64 -10.62
C CYS A 89 -2.48 9.69 -9.69
N LYS A 90 -2.10 9.69 -8.41
CA LYS A 90 -2.74 8.83 -7.42
C LYS A 90 -4.25 9.11 -7.37
N LEU A 91 -4.60 10.39 -7.40
CA LEU A 91 -6.00 10.82 -7.36
C LEU A 91 -6.80 10.23 -8.51
N ASN A 92 -6.25 10.34 -9.72
CA ASN A 92 -6.91 9.79 -10.90
C ASN A 92 -7.02 8.27 -10.86
N LEU A 93 -5.97 7.61 -10.36
CA LEU A 93 -5.98 6.16 -10.18
C LEU A 93 -7.16 5.76 -9.30
N LEU A 94 -7.43 6.59 -8.29
CA LEU A 94 -8.54 6.35 -7.38
C LEU A 94 -9.82 6.95 -7.94
N GLY A 95 -9.71 7.57 -9.11
CA GLY A 95 -10.85 8.18 -9.79
C GLY A 95 -11.33 9.43 -9.08
N ARG A 96 -10.40 10.17 -8.49
CA ARG A 96 -10.76 11.30 -7.65
C ARG A 96 -10.07 12.59 -8.04
N CYS A 97 -9.44 12.63 -9.20
CA CYS A 97 -8.79 13.87 -9.64
C CYS A 97 -9.80 14.80 -10.30
N HIS A 98 -9.92 15.99 -9.76
CA HIS A 98 -10.89 16.97 -10.25
C HIS A 98 -10.43 17.64 -11.55
N TYR A 99 -9.26 17.24 -12.03
CA TYR A 99 -8.72 17.78 -13.27
C TYR A 99 -8.71 16.72 -14.37
N ALA A 100 -9.63 15.76 -14.27
CA ALA A 100 -9.76 14.72 -15.27
C ALA A 100 -10.52 15.25 -16.48
N GLN A 101 -11.44 16.18 -16.24
CA GLN A 101 -12.28 16.71 -17.30
C GLN A 101 -12.16 18.22 -17.53
N SER A 102 -12.33 19.00 -16.47
CA SER A 102 -12.46 20.46 -16.58
C SER A 102 -11.20 21.20 -17.04
N GLN A 103 -10.09 20.97 -16.35
CA GLN A 103 -8.82 21.58 -16.73
C GLN A 103 -7.99 20.67 -17.63
N ARG A 104 -7.86 19.40 -17.23
CA ARG A 104 -7.03 18.41 -17.90
C ARG A 104 -5.53 18.73 -17.71
N ASN A 105 -5.16 19.97 -17.99
CA ASN A 105 -3.90 20.51 -17.50
C ASN A 105 -4.07 20.85 -16.02
N LEU A 106 -3.10 21.56 -15.43
CA LEU A 106 -3.10 21.85 -13.99
C LEU A 106 -3.04 20.59 -13.10
N CYS A 107 -2.97 19.41 -13.72
CA CYS A 107 -2.54 18.22 -12.98
C CYS A 107 -1.25 17.85 -13.70
N LYS A 108 -0.15 17.96 -12.97
CA LYS A 108 1.17 17.71 -13.50
C LYS A 108 1.49 16.22 -13.55
N TYR A 109 0.51 15.40 -13.16
CA TYR A 109 0.72 13.96 -13.08
C TYR A 109 -0.02 13.18 -14.17
N SER A 110 0.53 12.03 -14.54
CA SER A 110 0.00 11.23 -15.64
C SER A 110 -1.37 10.61 -15.32
N HIS A 111 -2.32 10.83 -16.21
CA HIS A 111 -3.63 10.19 -16.09
C HIS A 111 -3.73 8.98 -17.01
N ASP A 112 -2.61 8.62 -17.63
CA ASP A 112 -2.53 7.37 -18.37
C ASP A 112 -1.86 6.30 -17.51
N VAL A 113 -2.66 5.65 -16.68
CA VAL A 113 -2.18 4.63 -15.74
C VAL A 113 -1.31 3.58 -16.42
N LEU A 114 -1.78 3.08 -17.56
CA LEU A 114 -1.07 2.03 -18.27
C LEU A 114 -0.23 2.56 -19.42
N SER A 115 0.47 3.67 -19.18
CA SER A 115 1.44 4.21 -20.13
C SER A 115 2.51 3.17 -20.43
N GLU A 116 3.26 3.36 -21.50
CA GLU A 116 4.27 2.37 -21.90
C GLU A 116 5.36 2.23 -20.84
N GLN A 117 5.81 3.35 -20.28
CA GLN A 117 6.78 3.32 -19.19
C GLN A 117 6.22 2.63 -17.95
N ASN A 118 4.94 2.88 -17.66
CA ASN A 118 4.30 2.24 -16.52
C ASN A 118 4.12 0.74 -16.75
N PHE A 119 3.67 0.39 -17.95
CA PHE A 119 3.45 -1.02 -18.33
C PHE A 119 4.74 -1.80 -18.15
N GLN A 120 5.87 -1.17 -18.42
CA GLN A 120 7.16 -1.82 -18.27
C GLN A 120 7.53 -2.03 -16.79
N VAL A 121 7.23 -1.05 -15.96
CA VAL A 121 7.42 -1.20 -14.52
C VAL A 121 6.53 -2.32 -13.99
N LEU A 122 5.29 -2.34 -14.45
CA LEU A 122 4.34 -3.37 -14.04
C LEU A 122 4.83 -4.77 -14.43
N LYS A 123 5.47 -4.86 -15.59
CA LYS A 123 6.06 -6.11 -16.07
C LYS A 123 7.17 -6.63 -15.15
N ASN A 124 8.08 -5.73 -14.76
CA ASN A 124 9.17 -6.07 -13.85
C ASN A 124 8.69 -6.59 -12.50
N HIS A 125 7.48 -6.20 -12.11
CA HIS A 125 6.91 -6.61 -10.84
C HIS A 125 5.80 -7.62 -11.04
N GLU A 126 5.66 -8.08 -12.28
CA GLU A 126 4.69 -9.11 -12.64
C GLU A 126 3.25 -8.72 -12.30
N LEU A 127 2.91 -7.48 -12.61
CA LEU A 127 1.57 -6.94 -12.34
C LEU A 127 0.82 -6.44 -13.59
N SER A 128 1.37 -6.67 -14.77
CA SER A 128 0.80 -6.10 -15.99
C SER A 128 -0.59 -6.64 -16.36
N GLY A 129 -0.99 -7.77 -15.78
CA GLY A 129 -2.32 -8.31 -16.01
C GLY A 129 -3.43 -7.68 -15.16
N LEU A 130 -3.05 -6.75 -14.30
CA LEU A 130 -4.01 -6.07 -13.43
C LEU A 130 -4.76 -4.94 -14.13
N ASN A 131 -6.04 -4.78 -13.83
CA ASN A 131 -6.77 -3.60 -14.28
C ASN A 131 -6.53 -2.45 -13.32
N GLN A 132 -7.10 -1.29 -13.62
CA GLN A 132 -6.86 -0.09 -12.82
C GLN A 132 -7.38 -0.21 -11.39
N GLU A 133 -8.52 -0.87 -11.23
CA GLU A 133 -9.15 -1.04 -9.93
C GLU A 133 -8.33 -1.93 -9.00
N GLU A 134 -7.83 -3.03 -9.55
CA GLU A 134 -6.98 -3.97 -8.80
C GLU A 134 -5.66 -3.30 -8.44
N LEU A 135 -5.08 -2.58 -9.40
CA LEU A 135 -3.81 -1.89 -9.20
C LEU A 135 -3.94 -0.86 -8.08
N ALA A 136 -5.04 -0.11 -8.08
CA ALA A 136 -5.30 0.87 -7.03
C ALA A 136 -5.45 0.20 -5.66
N VAL A 137 -6.20 -0.90 -5.63
CA VAL A 137 -6.34 -1.70 -4.41
C VAL A 137 -4.98 -2.16 -3.86
N LEU A 138 -4.11 -2.63 -4.74
CA LEU A 138 -2.81 -3.16 -4.33
C LEU A 138 -1.93 -2.03 -3.81
N LEU A 139 -1.95 -0.90 -4.50
CA LEU A 139 -1.07 0.22 -4.18
C LEU A 139 -1.43 0.94 -2.88
N VAL A 140 -2.72 1.16 -2.64
CA VAL A 140 -3.14 1.87 -1.43
C VAL A 140 -2.71 1.16 -0.14
N GLN A 141 -2.52 -0.16 -0.23
CA GLN A 141 -2.07 -0.91 0.95
C GLN A 141 -0.59 -1.28 0.93
N SER A 142 0.08 -1.06 -0.20
CA SER A 142 1.50 -1.41 -0.34
C SER A 142 2.42 -0.19 -0.44
N ASP A 143 1.91 0.91 -0.97
CA ASP A 143 2.75 2.08 -1.22
C ASP A 143 2.39 3.19 -0.25
N PRO A 144 3.30 3.45 0.70
CA PRO A 144 3.10 4.39 1.81
C PRO A 144 2.82 5.80 1.29
N PHE A 145 3.18 6.06 0.04
CA PHE A 145 2.89 7.34 -0.60
C PHE A 145 1.38 7.63 -0.68
N PHE A 146 0.57 6.58 -0.57
CA PHE A 146 -0.89 6.76 -0.60
C PHE A 146 -1.47 7.06 0.79
N MET A 147 -0.61 6.99 1.81
CA MET A 147 -1.03 7.29 3.18
C MET A 147 -1.13 8.80 3.40
N PRO A 148 -1.89 9.22 4.41
CA PRO A 148 -1.89 10.64 4.77
C PRO A 148 -0.48 11.08 5.17
N GLU A 149 -0.25 12.38 5.27
CA GLU A 149 1.06 12.87 5.68
C GLU A 149 1.42 12.42 7.10
N ILE A 150 2.68 12.05 7.31
CA ILE A 150 3.16 11.66 8.63
C ILE A 150 3.80 12.88 9.29
N CYS A 151 3.43 13.15 10.54
CA CYS A 151 3.94 14.33 11.24
C CYS A 151 5.44 14.28 11.44
N LYS A 152 6.15 15.23 10.84
CA LYS A 152 7.60 15.27 10.91
C LYS A 152 8.13 15.71 12.28
N SER A 153 7.29 16.34 13.09
CA SER A 153 7.70 16.85 14.41
C SER A 153 7.46 15.82 15.51
N TYR A 154 6.66 14.80 15.21
CA TYR A 154 6.36 13.72 16.14
C TYR A 154 7.62 12.97 16.55
N LYS A 155 7.79 12.74 17.85
CA LYS A 155 9.04 12.19 18.36
C LYS A 155 8.88 11.09 19.43
N GLY A 156 7.65 10.75 19.77
CA GLY A 156 7.41 9.71 20.76
C GLY A 156 6.18 10.00 21.59
N GLU A 157 5.53 8.95 22.09
CA GLU A 157 4.30 9.12 22.84
C GLU A 157 4.53 9.48 24.31
N GLY A 158 5.79 9.77 24.65
CA GLY A 158 6.13 10.22 25.98
C GLY A 158 6.48 11.70 25.95
N ARG A 159 6.18 12.34 24.82
CA ARG A 159 6.44 13.76 24.62
C ARG A 159 5.14 14.50 24.38
N LYS A 160 5.24 15.79 24.06
CA LYS A 160 4.08 16.63 23.79
C LYS A 160 4.41 17.72 22.77
N GLN A 161 5.23 17.37 21.78
CA GLN A 161 5.85 18.35 20.88
C GLN A 161 4.86 19.29 20.16
N ILE A 162 5.38 20.43 19.71
CA ILE A 162 4.62 21.49 19.02
C ILE A 162 4.07 21.10 17.65
N CYS A 163 3.05 20.24 17.62
CA CYS A 163 2.36 19.94 16.37
C CYS A 163 1.16 20.88 16.25
N GLY A 164 1.35 22.11 16.70
CA GLY A 164 0.29 23.08 16.80
C GLY A 164 -0.67 22.74 17.93
N GLN A 165 -0.18 22.80 19.17
CA GLN A 165 -0.99 22.49 20.36
C GLN A 165 -2.42 23.05 20.35
N PRO A 166 -2.59 24.36 20.05
CA PRO A 166 -3.97 24.89 20.10
C PRO A 166 -4.84 24.40 18.94
N GLN A 167 -4.24 23.76 17.94
CA GLN A 167 -4.98 23.15 16.84
C GLN A 167 -4.43 21.75 16.58
N PRO A 168 -5.03 20.73 17.22
CA PRO A 168 -4.59 19.33 17.26
C PRO A 168 -4.02 18.82 15.95
N CYS A 169 -2.98 18.01 16.04
CA CYS A 169 -2.28 17.54 14.86
C CYS A 169 -3.17 16.71 13.95
N GLU A 170 -3.21 17.11 12.69
CA GLU A 170 -4.04 16.42 11.70
C GLU A 170 -3.21 15.41 10.91
N ARG A 171 -1.94 15.29 11.26
CA ARG A 171 -1.05 14.36 10.58
C ARG A 171 -0.86 13.09 11.38
N LEU A 172 -0.38 12.04 10.71
CA LEU A 172 -0.16 10.76 11.38
C LEU A 172 0.98 10.85 12.37
N HIS A 173 0.74 10.41 13.60
CA HIS A 173 1.81 10.27 14.59
C HIS A 173 2.28 8.82 14.71
N ILE A 174 3.00 8.38 13.68
CA ILE A 174 3.57 7.04 13.67
C ILE A 174 5.00 7.16 13.16
N CYS A 175 5.74 6.08 13.28
CA CYS A 175 7.12 6.02 12.81
C CYS A 175 7.20 5.92 11.30
N GLU A 176 7.71 6.96 10.64
CA GLU A 176 7.80 6.95 9.18
C GLU A 176 8.68 5.82 8.65
N HIS A 177 9.77 5.52 9.36
CA HIS A 177 10.64 4.40 9.00
C HIS A 177 9.89 3.06 9.00
N PHE A 178 8.98 2.88 9.95
CA PHE A 178 8.16 1.67 10.03
C PHE A 178 7.29 1.50 8.79
N THR A 179 6.66 2.59 8.34
CA THR A 179 5.79 2.55 7.16
C THR A 179 6.53 2.16 5.88
N ARG A 180 7.83 2.41 5.84
CA ARG A 180 8.64 2.05 4.68
C ARG A 180 9.45 0.78 4.96
N GLY A 181 9.07 0.07 6.01
CA GLY A 181 9.77 -1.16 6.38
C GLY A 181 11.25 -0.94 6.65
N ASN A 182 11.56 0.12 7.38
CA ASN A 182 12.96 0.48 7.63
C ASN A 182 13.23 0.99 9.04
N CYS A 183 12.38 0.62 9.99
CA CYS A 183 12.64 0.97 11.38
C CYS A 183 13.58 -0.05 11.99
N SER A 184 14.73 0.43 12.44
CA SER A 184 15.75 -0.43 13.01
C SER A 184 16.14 0.07 14.39
N TYR A 185 15.56 1.21 14.78
CA TYR A 185 15.76 1.80 16.09
C TYR A 185 15.49 0.78 17.19
N LEU A 186 16.53 0.46 17.95
CA LEU A 186 16.33 -0.30 19.17
C LEU A 186 15.44 0.53 20.09
N ASN A 187 14.29 -0.03 20.44
CA ASN A 187 13.30 0.66 21.26
C ASN A 187 12.88 2.02 20.68
N CYS A 188 12.27 1.98 19.50
CA CYS A 188 11.73 3.17 18.89
C CYS A 188 10.64 3.76 19.79
N LEU A 189 10.58 5.09 19.85
CA LEU A 189 9.63 5.77 20.72
C LEU A 189 8.37 6.13 19.95
N ARG A 190 8.49 6.16 18.63
CA ARG A 190 7.38 6.50 17.76
C ARG A 190 6.47 5.28 17.51
N SER A 191 5.17 5.51 17.49
CA SER A 191 4.20 4.44 17.39
C SER A 191 4.35 3.63 16.11
N HIS A 192 4.31 2.30 16.23
CA HIS A 192 4.22 1.41 15.09
C HIS A 192 2.79 0.88 14.98
N ASN A 193 1.88 1.48 15.76
CA ASN A 193 0.50 1.02 15.81
C ASN A 193 -0.45 1.85 14.95
N LEU A 194 -0.74 1.36 13.75
CA LEU A 194 -1.61 2.05 12.80
C LEU A 194 -3.09 1.88 13.15
N MET A 195 -3.38 0.92 14.03
CA MET A 195 -4.76 0.64 14.39
C MET A 195 -5.20 1.53 15.55
N ASP A 196 -4.41 2.55 15.84
CA ASP A 196 -4.77 3.55 16.84
C ASP A 196 -5.98 4.35 16.37
N ARG A 197 -6.87 4.64 17.31
CA ARG A 197 -8.13 5.34 17.07
C ARG A 197 -7.97 6.63 16.25
N LYS A 198 -7.05 7.50 16.67
CA LYS A 198 -6.83 8.77 16.00
C LYS A 198 -6.17 8.62 14.63
N VAL A 199 -5.31 7.61 14.48
CA VAL A 199 -4.71 7.28 13.20
C VAL A 199 -5.77 6.81 12.21
N LEU A 200 -6.59 5.87 12.68
CA LEU A 200 -7.67 5.31 11.88
C LEU A 200 -8.63 6.38 11.36
N ALA A 201 -8.86 7.41 12.18
CA ALA A 201 -9.74 8.52 11.80
C ALA A 201 -9.15 9.35 10.66
N ILE A 202 -7.87 9.72 10.79
CA ILE A 202 -7.16 10.41 9.71
C ILE A 202 -7.12 9.54 8.46
N MET A 203 -6.84 8.26 8.66
CA MET A 203 -6.81 7.27 7.58
C MET A 203 -8.14 7.23 6.84
N ARG A 204 -9.23 7.11 7.61
CA ARG A 204 -10.58 7.03 7.04
C ARG A 204 -10.99 8.32 6.34
N GLU A 205 -10.60 9.46 6.91
CA GLU A 205 -10.83 10.78 6.31
C GLU A 205 -10.10 10.88 4.97
N HIS A 206 -8.98 10.17 4.87
CA HIS A 206 -8.13 10.23 3.69
C HIS A 206 -8.60 9.25 2.62
N GLY A 207 -9.50 8.36 3.00
CA GLY A 207 -10.04 7.40 2.07
C GLY A 207 -9.59 5.96 2.29
N LEU A 208 -8.98 5.70 3.45
CA LEU A 208 -8.51 4.35 3.78
C LEU A 208 -9.31 3.76 4.92
N SER A 209 -10.09 2.73 4.65
CA SER A 209 -10.91 2.07 5.67
C SER A 209 -10.03 1.28 6.64
N SER A 210 -10.59 0.90 7.79
CA SER A 210 -9.83 0.18 8.80
C SER A 210 -9.35 -1.18 8.31
N ASP A 211 -10.11 -1.76 7.38
CA ASP A 211 -9.72 -3.02 6.74
C ASP A 211 -8.45 -2.84 5.92
N VAL A 212 -8.35 -1.72 5.20
CA VAL A 212 -7.15 -1.39 4.44
C VAL A 212 -5.97 -1.11 5.38
N VAL A 213 -6.22 -0.33 6.43
CA VAL A 213 -5.16 -0.02 7.40
C VAL A 213 -4.65 -1.28 8.08
N GLN A 214 -5.56 -2.22 8.34
CA GLN A 214 -5.18 -3.50 8.95
C GLN A 214 -4.22 -4.26 8.04
N ASN A 215 -4.50 -4.24 6.74
CA ASN A 215 -3.59 -4.82 5.76
C ASN A 215 -2.23 -4.12 5.76
N ILE A 216 -2.25 -2.79 5.73
CA ILE A 216 -1.03 -2.00 5.84
C ILE A 216 -0.27 -2.35 7.11
N GLN A 217 -1.00 -2.47 8.22
CA GLN A 217 -0.42 -2.83 9.51
C GLN A 217 0.30 -4.18 9.43
N ASP A 218 -0.36 -5.17 8.82
CA ASP A 218 0.22 -6.51 8.72
C ASP A 218 1.41 -6.62 7.74
N ILE A 219 1.35 -5.86 6.65
CA ILE A 219 2.47 -5.80 5.72
C ILE A 219 3.68 -5.16 6.38
N CYS A 220 3.46 -4.02 7.05
CA CYS A 220 4.54 -3.35 7.76
C CYS A 220 5.12 -4.20 8.90
N ASN A 221 4.24 -4.86 9.66
CA ASN A 221 4.70 -5.78 10.71
C ASN A 221 5.61 -6.87 10.16
N ASN A 222 5.22 -7.46 9.04
CA ASN A 222 6.03 -8.49 8.39
C ASN A 222 7.41 -7.96 7.99
N LYS A 223 7.42 -6.76 7.40
CA LYS A 223 8.68 -6.13 7.02
C LYS A 223 9.53 -5.77 8.25
N HIS A 224 8.87 -5.42 9.35
CA HIS A 224 9.56 -5.02 10.57
C HIS A 224 10.23 -6.20 11.27
N THR A 225 9.51 -7.32 11.32
CA THR A 225 10.12 -8.58 11.75
C THR A 225 10.87 -9.14 10.54
N ARG A 226 12.02 -8.54 10.25
CA ARG A 226 12.76 -8.79 9.00
C ARG A 226 13.18 -10.23 8.85
#